data_2UZ8
#
_entry.id   2UZ8
#
_cell.length_a   46.336
_cell.length_b   77.915
_cell.length_c   194.784
_cell.angle_alpha   90.00
_cell.angle_beta   90.00
_cell.angle_gamma   90.00
#
_symmetry.space_group_name_H-M   'C 2 2 21'
#
loop_
_entity.id
_entity.type
_entity.pdbx_description
1 polymer 'EUKARYOTIC TRANSLATION ELONGATION FACTOR 1 EPSILON-1'
2 non-polymer GLYCEROL
3 water water
#
_entity_poly.entity_id   1
_entity_poly.type   'polypeptide(L)'
_entity_poly.pdbx_seq_one_letter_code
;(MSE)AAAAELSLLEKSLGLSKGNKYSAQGERQIPVLQTNNGPSL(MSE)GLTTIAAHLVKQANKEYLLGSTAEEKA
(MSE)VQQWLEYRVTQVDGHSSKNDIHTLL(MSE)DLNSYLEDKVYLTGYNFTLADILLYYGLHRFIVDLTVQEKEKYLN
VSRWFCHIQHYPGIRQHLSSVVFIKNRLYTNSH
;
_entity_poly.pdbx_strand_id   A,B
#
# COMPACT_ATOMS: atom_id res chain seq x y z
N ALA A 2 18.97 -21.38 -8.04
CA ALA A 2 18.25 -20.16 -7.63
C ALA A 2 16.99 -20.40 -6.81
N ALA A 3 16.23 -21.45 -7.13
CA ALA A 3 14.97 -21.72 -6.43
C ALA A 3 15.14 -22.08 -4.95
N ALA A 4 16.20 -22.81 -4.61
CA ALA A 4 16.44 -23.22 -3.23
C ALA A 4 16.77 -21.99 -2.38
N ALA A 5 17.58 -21.11 -2.96
CA ALA A 5 18.00 -19.88 -2.32
C ALA A 5 16.78 -18.95 -2.16
N GLU A 6 15.89 -18.96 -3.15
CA GLU A 6 14.69 -18.16 -3.05
C GLU A 6 13.76 -18.65 -1.96
N LEU A 7 13.62 -19.97 -1.82
CA LEU A 7 12.81 -20.51 -0.71
C LEU A 7 13.48 -20.24 0.65
N SER A 8 14.82 -20.13 0.66
CA SER A 8 15.56 -19.74 1.87
C SER A 8 15.22 -18.29 2.24
N LEU A 9 15.29 -17.42 1.25
CA LEU A 9 14.79 -16.04 1.38
C LEU A 9 13.39 -16.01 2.01
N LEU A 10 12.44 -16.76 1.44
CA LEU A 10 11.04 -16.69 1.89
C LEU A 10 10.87 -17.19 3.33
N GLU A 11 11.63 -18.21 3.69
CA GLU A 11 11.68 -18.70 5.05
C GLU A 11 11.97 -17.53 5.99
N LYS A 12 13.00 -16.77 5.67
CA LYS A 12 13.43 -15.60 6.46
C LYS A 12 12.40 -14.46 6.47
N SER A 13 11.81 -14.14 5.31
CA SER A 13 10.76 -13.11 5.27
C SER A 13 9.49 -13.51 6.02
N LEU A 14 9.25 -14.82 6.17
CA LEU A 14 8.13 -15.36 6.95
C LEU A 14 8.47 -15.55 8.45
N GLY A 15 9.69 -15.24 8.84
CA GLY A 15 10.07 -15.39 10.24
C GLY A 15 10.05 -16.83 10.69
N LEU A 16 10.68 -17.72 9.91
CA LEU A 16 10.88 -19.14 10.24
C LEU A 16 12.37 -19.41 10.47
N SER A 17 12.70 -19.82 11.69
CA SER A 17 14.10 -19.94 12.12
C SER A 17 14.83 -21.20 11.61
N LYS A 18 14.09 -22.29 11.43
CA LYS A 18 14.67 -23.57 11.01
C LYS A 18 14.82 -23.68 9.49
N GLY A 19 15.98 -23.28 8.98
CA GLY A 19 16.29 -23.37 7.54
C GLY A 19 16.30 -24.80 7.01
N ASN A 20 15.41 -25.05 6.05
CA ASN A 20 15.28 -26.34 5.38
C ASN A 20 16.35 -26.52 4.34
N LYS A 21 16.65 -27.77 4.00
CA LYS A 21 17.55 -28.08 2.89
C LYS A 21 16.70 -28.47 1.69
N TYR A 22 17.10 -28.02 0.51
CA TYR A 22 16.39 -28.31 -0.75
C TYR A 22 17.33 -28.95 -1.78
N SER A 23 16.83 -29.98 -2.45
CA SER A 23 17.56 -30.55 -3.56
C SER A 23 16.92 -30.10 -4.85
N ALA A 24 17.46 -30.55 -5.97
CA ALA A 24 16.89 -30.25 -7.26
C ALA A 24 16.40 -31.55 -7.91
N GLN A 25 15.58 -31.41 -8.94
CA GLN A 25 14.99 -32.55 -9.62
C GLN A 25 14.71 -32.19 -11.09
N GLY A 26 15.27 -32.97 -12.01
CA GLY A 26 14.99 -32.76 -13.44
C GLY A 26 15.96 -31.81 -14.15
N GLU A 27 15.87 -31.78 -15.48
CA GLU A 27 16.72 -30.93 -16.30
C GLU A 27 16.48 -29.44 -16.01
N ARG A 28 15.35 -29.14 -15.36
CA ARG A 28 14.95 -27.76 -15.07
C ARG A 28 15.22 -27.35 -13.60
N GLN A 29 15.85 -28.25 -12.83
CA GLN A 29 16.35 -27.97 -11.47
C GLN A 29 15.27 -27.50 -10.48
N ILE A 30 14.13 -28.19 -10.49
CA ILE A 30 12.95 -27.92 -9.64
C ILE A 30 13.20 -28.26 -8.15
N PRO A 31 12.80 -27.37 -7.22
CA PRO A 31 13.17 -27.58 -5.81
C PRO A 31 12.35 -28.64 -5.09
N VAL A 32 13.02 -29.35 -4.18
CA VAL A 32 12.40 -30.43 -3.43
C VAL A 32 12.63 -30.31 -1.93
N LEU A 33 11.57 -30.47 -1.17
CA LEU A 33 11.61 -30.37 0.28
C LEU A 33 11.08 -31.69 0.82
N GLN A 34 11.91 -32.35 1.63
CA GLN A 34 11.43 -33.43 2.50
C GLN A 34 10.91 -32.79 3.80
N THR A 35 9.68 -33.12 4.17
CA THR A 35 9.08 -32.61 5.41
C THR A 35 9.03 -33.70 6.52
N ASN A 36 9.00 -33.26 7.79
CA ASN A 36 9.01 -34.14 8.96
C ASN A 36 7.72 -34.95 9.21
N ASN A 37 6.58 -34.43 8.73
CA ASN A 37 5.24 -35.02 8.88
C ASN A 37 5.06 -36.50 8.47
N GLY A 38 5.56 -36.92 7.30
CA GLY A 38 6.29 -36.05 6.36
C GLY A 38 6.28 -36.42 4.87
N PRO A 39 5.22 -35.99 4.13
CA PRO A 39 5.20 -36.12 2.64
C PRO A 39 6.23 -35.22 1.97
N SER A 40 6.83 -35.71 0.90
CA SER A 40 7.88 -34.96 0.20
C SER A 40 7.29 -33.97 -0.82
N LEU A 41 7.76 -32.73 -0.84
CA LEU A 41 7.14 -31.66 -1.66
C LEU A 41 8.03 -30.99 -2.68
N GLY A 43 8.37 -28.29 -6.24
CA GLY A 43 7.92 -27.07 -6.90
C GLY A 43 7.95 -25.84 -6.01
N LEU A 44 8.38 -24.72 -6.57
CA LEU A 44 8.45 -23.46 -5.84
C LEU A 44 7.14 -23.08 -5.17
N THR A 45 6.05 -23.10 -5.94
CA THR A 45 4.81 -22.57 -5.42
C THR A 45 4.14 -23.54 -4.43
N THR A 46 4.33 -24.83 -4.66
CA THR A 46 3.85 -25.84 -3.72
C THR A 46 4.59 -25.75 -2.37
N ILE A 47 5.90 -25.66 -2.42
CA ILE A 47 6.67 -25.50 -1.16
C ILE A 47 6.34 -24.15 -0.49
N ALA A 48 6.30 -23.08 -1.27
CA ALA A 48 6.06 -21.74 -0.68
C ALA A 48 4.74 -21.73 0.06
N ALA A 49 3.71 -22.40 -0.46
CA ALA A 49 2.38 -22.40 0.21
C ALA A 49 2.39 -23.23 1.45
N HIS A 50 3.15 -24.33 1.41
CA HIS A 50 3.47 -25.11 2.59
C HIS A 50 4.13 -24.25 3.69
N LEU A 51 5.22 -23.55 3.35
CA LEU A 51 5.93 -22.64 4.26
C LEU A 51 5.08 -21.56 4.92
N VAL A 52 4.15 -20.98 4.17
CA VAL A 52 3.18 -19.99 4.66
C VAL A 52 2.31 -20.55 5.80
N LYS A 53 1.72 -21.72 5.59
CA LYS A 53 0.91 -22.39 6.61
C LYS A 53 1.68 -22.72 7.91
N GLN A 54 2.93 -23.19 7.79
CA GLN A 54 3.69 -23.44 9.01
C GLN A 54 4.28 -22.19 9.69
N ALA A 55 4.24 -21.04 9.00
CA ALA A 55 4.52 -19.73 9.61
C ALA A 55 3.23 -19.15 10.24
N ASN A 56 2.17 -19.93 10.22
CA ASN A 56 0.87 -19.51 10.73
C ASN A 56 0.44 -18.17 10.11
N LYS A 57 0.70 -18.03 8.80
CA LYS A 57 0.33 -16.82 8.03
C LYS A 57 -0.50 -17.18 6.78
N GLU A 58 -1.47 -18.09 6.95
CA GLU A 58 -2.33 -18.54 5.86
C GLU A 58 -3.15 -17.45 5.16
N TYR A 59 -3.30 -16.27 5.77
CA TYR A 59 -3.98 -15.15 5.09
C TYR A 59 -3.21 -14.76 3.81
N LEU A 60 -1.92 -15.06 3.74
CA LEU A 60 -1.10 -14.75 2.57
C LEU A 60 -1.50 -15.54 1.32
N LEU A 61 -2.34 -16.57 1.52
CA LEU A 61 -2.86 -17.39 0.43
C LEU A 61 -4.22 -16.89 -0.02
N GLY A 62 -4.71 -15.85 0.65
CA GLY A 62 -5.99 -15.23 0.30
C GLY A 62 -7.04 -15.56 1.33
N SER A 63 -8.07 -14.71 1.39
CA SER A 63 -9.07 -14.76 2.46
C SER A 63 -10.51 -15.07 2.05
N THR A 64 -10.80 -14.96 0.76
CA THR A 64 -12.08 -15.38 0.19
C THR A 64 -11.77 -16.36 -0.95
N ALA A 65 -12.77 -17.12 -1.40
CA ALA A 65 -12.56 -18.04 -2.51
C ALA A 65 -12.06 -17.29 -3.77
N GLU A 66 -12.55 -16.07 -4.00
CA GLU A 66 -12.05 -15.24 -5.09
C GLU A 66 -10.59 -14.79 -4.92
N GLU A 67 -10.21 -14.42 -3.71
CA GLU A 67 -8.83 -13.99 -3.45
C GLU A 67 -7.83 -15.16 -3.54
N LYS A 68 -8.23 -16.32 -3.01
CA LYS A 68 -7.49 -17.56 -3.19
C LYS A 68 -7.25 -17.89 -4.67
N ALA A 69 -8.31 -17.82 -5.47
CA ALA A 69 -8.12 -18.08 -6.91
C ALA A 69 -7.18 -17.05 -7.54
N VAL A 71 -4.67 -15.47 -5.89
CA VAL A 71 -3.34 -15.84 -5.44
C VAL A 71 -2.81 -17.02 -6.29
N GLN A 72 -3.66 -18.05 -6.50
CA GLN A 72 -3.31 -19.19 -7.33
C GLN A 72 -2.90 -18.76 -8.72
N GLN A 73 -3.69 -17.89 -9.32
CA GLN A 73 -3.41 -17.35 -10.65
C GLN A 73 -2.00 -16.71 -10.78
N TRP A 74 -1.65 -15.90 -9.80
CA TRP A 74 -0.41 -15.12 -9.78
C TRP A 74 0.79 -16.00 -9.43
N LEU A 75 0.58 -17.01 -8.56
CA LEU A 75 1.60 -18.08 -8.35
C LEU A 75 1.90 -18.83 -9.64
N GLU A 76 0.87 -19.27 -10.37
CA GLU A 76 1.06 -19.91 -11.68
C GLU A 76 1.76 -18.98 -12.68
N TYR A 77 1.42 -17.70 -12.70
CA TYR A 77 2.13 -16.75 -13.56
C TYR A 77 3.64 -16.72 -13.25
N ARG A 78 4.00 -16.65 -11.97
CA ARG A 78 5.42 -16.66 -11.57
C ARG A 78 6.17 -17.83 -12.22
N VAL A 79 5.67 -19.05 -12.07
CA VAL A 79 6.39 -20.22 -12.54
C VAL A 79 6.30 -20.52 -14.04
N THR A 80 5.33 -19.90 -14.72
CA THR A 80 5.10 -20.19 -16.12
C THR A 80 5.56 -19.04 -17.00
N GLN A 81 5.47 -17.81 -16.51
CA GLN A 81 5.70 -16.64 -17.36
C GLN A 81 6.99 -15.91 -17.00
N VAL A 82 7.31 -15.90 -15.71
CA VAL A 82 8.55 -15.25 -15.29
C VAL A 82 9.67 -16.26 -15.41
N ASP A 83 9.53 -17.41 -14.73
CA ASP A 83 10.56 -18.43 -14.71
C ASP A 83 10.83 -19.09 -16.06
N GLY A 84 12.10 -19.38 -16.31
N ASN A 89 14.33 -8.97 -23.39
CA ASN A 89 13.48 -8.67 -24.54
C ASN A 89 12.12 -9.39 -24.42
N ASP A 90 12.16 -10.60 -23.86
CA ASP A 90 10.97 -11.32 -23.43
C ASP A 90 10.31 -10.56 -22.30
N ILE A 91 11.16 -9.99 -21.43
CA ILE A 91 10.70 -9.38 -20.20
C ILE A 91 10.06 -8.01 -20.42
N HIS A 92 10.45 -7.32 -21.49
CA HIS A 92 9.86 -6.02 -21.77
C HIS A 92 8.40 -6.13 -22.19
N THR A 93 8.08 -7.16 -22.96
CA THR A 93 6.68 -7.48 -23.25
C THR A 93 5.90 -7.89 -21.99
N LEU A 94 6.47 -8.75 -21.15
CA LEU A 94 5.92 -9.07 -19.85
C LEU A 94 5.65 -7.80 -18.98
N LEU A 95 6.66 -6.94 -18.86
CA LEU A 95 6.60 -5.73 -18.02
C LEU A 95 5.55 -4.76 -18.46
N ASP A 97 2.70 -5.48 -20.02
CA ASP A 97 1.38 -6.02 -19.72
C ASP A 97 1.11 -5.94 -18.22
N LEU A 98 2.14 -6.24 -17.42
CA LEU A 98 2.07 -6.11 -15.97
C LEU A 98 1.88 -4.63 -15.56
N ASN A 99 2.55 -3.72 -16.26
CA ASN A 99 2.38 -2.27 -16.01
C ASN A 99 0.91 -1.83 -16.15
N SER A 100 0.23 -2.32 -17.20
CA SER A 100 -1.19 -2.01 -17.41
C SER A 100 -2.06 -2.62 -16.34
N TYR A 101 -1.85 -3.91 -16.06
CA TYR A 101 -2.57 -4.60 -15.01
C TYR A 101 -2.52 -3.84 -13.67
N LEU A 102 -1.33 -3.34 -13.31
CA LEU A 102 -1.11 -2.72 -12.00
C LEU A 102 -1.58 -1.25 -11.91
N GLU A 103 -2.06 -0.66 -13.01
CA GLU A 103 -2.42 0.78 -13.04
C GLU A 103 -3.43 1.19 -11.93
N ASP A 104 -4.32 0.28 -11.59
CA ASP A 104 -5.39 0.55 -10.64
C ASP A 104 -5.30 -0.23 -9.33
N LYS A 105 -4.14 -0.80 -9.02
CA LYS A 105 -4.00 -1.70 -7.86
C LYS A 105 -2.71 -1.38 -7.12
N VAL A 106 -2.72 -1.54 -5.79
CA VAL A 106 -1.52 -1.41 -4.98
C VAL A 106 -0.87 -2.81 -4.88
N TYR A 107 -1.71 -3.83 -4.72
CA TYR A 107 -1.23 -5.24 -4.60
C TYR A 107 -1.64 -6.08 -5.78
N LEU A 108 -0.87 -7.13 -6.06
CA LEU A 108 -1.08 -7.98 -7.23
C LEU A 108 -2.45 -8.55 -7.32
N THR A 109 -2.97 -9.07 -6.22
CA THR A 109 -4.27 -9.73 -6.27
C THR A 109 -5.44 -8.74 -6.07
N GLY A 110 -5.14 -7.46 -5.98
CA GLY A 110 -6.17 -6.45 -6.05
C GLY A 110 -6.34 -5.55 -4.86
N TYR A 111 -6.35 -6.10 -3.66
CA TYR A 111 -6.75 -5.33 -2.47
C TYR A 111 -5.78 -5.46 -1.33
N ASN A 112 -5.26 -6.68 -1.15
CA ASN A 112 -4.45 -7.05 0.02
C ASN A 112 -3.12 -7.69 -0.40
N PHE A 113 -2.12 -7.50 0.45
CA PHE A 113 -0.80 -8.09 0.32
C PHE A 113 -0.90 -9.59 0.46
N THR A 114 -0.36 -10.35 -0.50
CA THR A 114 -0.42 -11.82 -0.39
C THR A 114 0.93 -12.39 -0.76
N LEU A 115 1.04 -13.72 -0.71
CA LEU A 115 2.23 -14.44 -1.19
C LEU A 115 2.55 -14.18 -2.64
N ALA A 116 1.51 -13.93 -3.44
CA ALA A 116 1.73 -13.61 -4.84
C ALA A 116 2.62 -12.39 -5.06
N ASP A 117 2.45 -11.33 -4.27
CA ASP A 117 3.37 -10.17 -4.30
C ASP A 117 4.83 -10.56 -3.97
N ILE A 118 5.01 -11.38 -2.95
CA ILE A 118 6.38 -11.75 -2.50
C ILE A 118 7.08 -12.49 -3.61
N LEU A 119 6.42 -13.52 -4.12
CA LEU A 119 7.09 -14.36 -5.11
C LEU A 119 7.31 -13.68 -6.41
N LEU A 120 6.39 -12.80 -6.82
CA LEU A 120 6.65 -12.03 -8.03
C LEU A 120 7.81 -11.04 -7.81
N TYR A 121 7.84 -10.40 -6.65
CA TYR A 121 8.92 -9.47 -6.32
C TYR A 121 10.29 -10.22 -6.41
N TYR A 122 10.39 -11.37 -5.75
CA TYR A 122 11.64 -12.19 -5.79
C TYR A 122 11.99 -12.61 -7.23
N GLY A 123 10.96 -12.93 -8.03
CA GLY A 123 11.17 -13.41 -9.40
C GLY A 123 11.59 -12.36 -10.37
N LEU A 124 11.05 -11.16 -10.23
CA LEU A 124 11.43 -10.06 -11.12
C LEU A 124 12.67 -9.31 -10.67
N HIS A 125 13.02 -9.47 -9.41
CA HIS A 125 14.12 -8.67 -8.88
C HIS A 125 15.29 -8.62 -9.86
N ARG A 126 15.61 -9.80 -10.40
CA ARG A 126 16.67 -10.05 -11.39
C ARG A 126 16.64 -9.04 -12.54
N PHE A 127 15.44 -8.84 -13.08
CA PHE A 127 15.22 -7.96 -14.20
C PHE A 127 15.09 -6.52 -13.79
N ILE A 128 14.48 -6.25 -12.65
CA ILE A 128 14.24 -4.85 -12.28
C ILE A 128 15.57 -4.14 -11.91
N VAL A 129 16.49 -4.87 -11.27
CA VAL A 129 17.83 -4.33 -10.95
C VAL A 129 18.56 -3.81 -12.17
N ASP A 130 18.26 -4.37 -13.34
CA ASP A 130 18.96 -4.00 -14.55
C ASP A 130 18.31 -2.94 -15.45
N LEU A 131 17.10 -2.50 -15.11
CA LEU A 131 16.41 -1.45 -15.90
C LEU A 131 17.10 -0.10 -15.82
N THR A 132 17.17 0.59 -16.94
CA THR A 132 17.64 1.96 -16.97
C THR A 132 16.61 2.88 -16.31
N VAL A 133 16.99 4.14 -16.13
CA VAL A 133 16.14 5.10 -15.45
C VAL A 133 14.91 5.34 -16.30
N GLN A 134 15.13 5.40 -17.60
CA GLN A 134 14.06 5.66 -18.51
C GLN A 134 13.08 4.47 -18.53
N GLU A 135 13.61 3.24 -18.47
CA GLU A 135 12.77 2.03 -18.39
C GLU A 135 11.95 1.94 -17.10
N LYS A 136 12.54 2.30 -15.96
CA LYS A 136 11.76 2.41 -14.72
C LYS A 136 10.66 3.47 -14.83
N GLU A 137 10.91 4.55 -15.55
CA GLU A 137 9.89 5.58 -15.77
C GLU A 137 8.83 5.13 -16.80
N LYS A 138 9.23 4.29 -17.76
CA LYS A 138 8.27 3.72 -18.72
C LYS A 138 7.23 2.82 -18.04
N TYR A 139 7.69 2.01 -17.09
CA TYR A 139 6.81 1.09 -16.38
C TYR A 139 6.55 1.62 -15.00
N LEU A 140 5.83 2.73 -14.90
CA LEU A 140 5.65 3.42 -13.65
C LEU A 140 4.96 2.60 -12.61
N ASN A 141 3.96 1.83 -13.03
CA ASN A 141 3.12 1.07 -12.11
C ASN A 141 3.88 -0.11 -11.57
N VAL A 142 4.70 -0.70 -12.44
CA VAL A 142 5.59 -1.80 -11.98
C VAL A 142 6.60 -1.25 -10.97
N SER A 143 7.23 -0.12 -11.31
CA SER A 143 8.20 0.51 -10.41
C SER A 143 7.57 0.87 -9.08
N ARG A 144 6.36 1.45 -9.11
CA ARG A 144 5.66 1.83 -7.89
C ARG A 144 5.33 0.61 -7.01
N TRP A 145 4.82 -0.45 -7.62
CA TRP A 145 4.51 -1.68 -6.87
C TRP A 145 5.81 -2.30 -6.30
N PHE A 146 6.82 -2.41 -7.14
CA PHE A 146 8.07 -3.08 -6.77
C PHE A 146 8.72 -2.31 -5.62
N CYS A 147 8.72 -0.97 -5.68
CA CYS A 147 9.26 -0.15 -4.57
C CYS A 147 8.48 -0.35 -3.25
N HIS A 148 7.15 -0.51 -3.35
CA HIS A 148 6.31 -0.76 -2.19
C HIS A 148 6.63 -2.17 -1.58
N ILE A 149 6.80 -3.18 -2.41
CA ILE A 149 7.10 -4.51 -1.86
C ILE A 149 8.54 -4.52 -1.29
N GLN A 150 9.46 -3.87 -1.96
CA GLN A 150 10.85 -3.86 -1.51
C GLN A 150 11.01 -3.23 -0.13
N HIS A 151 10.10 -2.31 0.21
CA HIS A 151 10.10 -1.64 1.51
C HIS A 151 9.18 -2.29 2.54
N TYR A 152 8.40 -3.28 2.11
CA TYR A 152 7.41 -3.95 2.95
C TYR A 152 8.12 -4.77 4.05
N PRO A 153 7.68 -4.65 5.31
CA PRO A 153 8.44 -5.17 6.46
C PRO A 153 8.90 -6.61 6.29
N GLY A 154 10.22 -6.79 6.28
CA GLY A 154 10.85 -8.11 6.34
C GLY A 154 10.96 -8.88 5.03
N ILE A 155 10.68 -8.22 3.91
CA ILE A 155 10.58 -8.96 2.64
C ILE A 155 11.90 -8.96 1.87
N ARG A 156 12.56 -7.80 1.82
CA ARG A 156 13.71 -7.66 0.97
C ARG A 156 14.91 -8.48 1.53
N GLN A 157 15.05 -8.54 2.85
CA GLN A 157 16.24 -9.18 3.46
C GLN A 157 17.47 -8.73 2.67
N HIS A 158 18.21 -9.67 2.09
CA HIS A 158 19.52 -9.39 1.51
C HIS A 158 19.55 -8.90 0.07
N LEU A 159 18.38 -8.83 -0.57
CA LEU A 159 18.30 -8.34 -1.94
C LEU A 159 18.69 -6.87 -2.02
N SER A 160 19.38 -6.47 -3.08
CA SER A 160 19.69 -5.08 -3.31
C SER A 160 18.40 -4.25 -3.41
N SER A 161 18.44 -3.02 -2.89
CA SER A 161 17.38 -2.07 -3.14
C SER A 161 17.58 -1.51 -4.52
N VAL A 162 16.47 -1.33 -5.23
CA VAL A 162 16.51 -0.67 -6.50
C VAL A 162 16.18 0.76 -6.15
N VAL A 163 16.86 1.66 -6.84
CA VAL A 163 16.69 3.11 -6.67
C VAL A 163 15.47 3.56 -7.48
N PHE A 164 14.49 4.04 -6.74
CA PHE A 164 13.35 4.70 -7.37
C PHE A 164 13.25 6.06 -6.70
N ILE A 165 13.28 7.09 -7.51
CA ILE A 165 13.08 8.47 -7.04
C ILE A 165 11.59 8.80 -7.19
N LYS A 166 11.02 9.30 -6.10
CA LYS A 166 9.61 9.66 -6.05
C LYS A 166 9.50 11.19 -6.22
N ASN A 167 8.63 11.62 -7.15
CA ASN A 167 8.30 13.04 -7.38
C ASN A 167 8.27 13.88 -6.14
N ARG A 168 8.92 15.03 -6.23
CA ARG A 168 8.77 16.10 -5.24
C ARG A 168 8.98 15.55 -3.82
N LEU A 169 10.12 14.89 -3.63
CA LEU A 169 10.53 14.25 -2.38
C LEU A 169 12.06 14.39 -2.15
N TYR A 170 12.76 15.09 -2.89
N ALA B 2 -19.15 19.10 8.55
CA ALA B 2 -18.34 20.09 9.24
C ALA B 2 -17.01 19.49 9.77
N ALA B 3 -16.06 20.37 10.09
CA ALA B 3 -14.81 19.97 10.74
C ALA B 3 -15.08 19.11 11.98
N ALA B 4 -16.13 19.48 12.75
CA ALA B 4 -16.58 18.69 13.90
C ALA B 4 -16.78 17.22 13.57
N ALA B 5 -17.55 16.93 12.53
CA ALA B 5 -17.80 15.57 12.10
C ALA B 5 -16.55 14.90 11.55
N GLU B 6 -15.77 15.66 10.79
CA GLU B 6 -14.50 15.15 10.30
C GLU B 6 -13.61 14.73 11.46
N LEU B 7 -13.59 15.52 12.53
CA LEU B 7 -12.74 15.20 13.67
C LEU B 7 -13.27 13.99 14.47
N SER B 8 -14.60 13.87 14.61
CA SER B 8 -15.21 12.70 15.26
C SER B 8 -14.77 11.45 14.53
N LEU B 9 -14.92 11.50 13.20
CA LEU B 9 -14.44 10.48 12.27
C LEU B 9 -12.98 10.10 12.53
N LEU B 10 -12.11 11.13 12.60
CA LEU B 10 -10.70 10.89 12.89
C LEU B 10 -10.46 10.20 14.25
N GLU B 11 -11.23 10.62 15.26
CA GLU B 11 -11.15 10.09 16.61
C GLU B 11 -11.32 8.56 16.63
N LYS B 12 -12.35 8.11 15.94
CA LYS B 12 -12.68 6.70 15.85
C LYS B 12 -11.63 5.91 15.04
N SER B 13 -11.22 6.39 13.86
CA SER B 13 -10.04 5.82 13.13
C SER B 13 -8.82 5.58 14.02
N LEU B 14 -8.61 6.46 15.00
CA LEU B 14 -7.48 6.38 15.94
C LEU B 14 -7.80 5.53 17.15
N GLY B 15 -9.06 5.09 17.27
CA GLY B 15 -9.49 4.24 18.39
C GLY B 15 -9.65 5.01 19.68
N LEU B 16 -10.01 6.28 19.56
CA LEU B 16 -10.36 7.13 20.71
C LEU B 16 -11.86 7.07 20.90
N SER B 17 -12.29 6.73 22.11
CA SER B 17 -13.71 6.56 22.40
C SER B 17 -14.36 7.80 23.03
N LYS B 18 -13.87 8.19 24.22
CA LYS B 18 -14.44 9.32 24.99
C LYS B 18 -14.71 10.48 24.07
N GLY B 19 -15.96 10.93 24.02
CA GLY B 19 -16.35 12.06 23.18
C GLY B 19 -15.69 13.36 23.60
N ASN B 20 -15.09 14.06 22.63
CA ASN B 20 -14.57 15.41 22.79
C ASN B 20 -15.60 16.36 22.18
N LYS B 21 -15.89 17.46 22.86
CA LYS B 21 -16.83 18.45 22.31
C LYS B 21 -16.10 19.51 21.47
N TYR B 22 -16.61 19.77 20.26
CA TYR B 22 -16.05 20.76 19.33
C TYR B 22 -16.91 22.01 19.18
N SER B 23 -16.39 23.10 19.75
CA SER B 23 -17.00 24.41 19.72
C SER B 23 -17.01 25.08 18.34
N ALA B 24 -17.80 26.14 18.22
CA ALA B 24 -17.82 26.98 17.03
C ALA B 24 -17.00 28.25 17.31
N GLN B 25 -16.15 28.64 16.38
CA GLN B 25 -15.38 29.87 16.54
C GLN B 25 -15.31 30.61 15.21
N GLY B 26 -16.02 31.73 15.13
CA GLY B 26 -16.12 32.53 13.89
C GLY B 26 -17.17 32.00 12.92
N GLU B 27 -17.56 32.85 11.97
CA GLU B 27 -18.51 32.46 10.91
C GLU B 27 -17.87 31.43 9.98
N ARG B 28 -16.56 31.56 9.76
CA ARG B 28 -15.77 30.54 9.03
C ARG B 28 -15.79 29.18 9.71
N GLN B 29 -16.28 29.17 10.96
CA GLN B 29 -16.62 27.95 11.71
C GLN B 29 -15.47 26.97 11.98
N ILE B 30 -14.32 27.54 12.36
CA ILE B 30 -13.09 26.80 12.69
C ILE B 30 -13.27 26.03 14.00
N PRO B 31 -12.94 24.71 14.00
CA PRO B 31 -13.25 23.87 15.15
C PRO B 31 -12.34 24.17 16.34
N VAL B 32 -12.86 23.97 17.56
CA VAL B 32 -12.11 24.19 18.81
C VAL B 32 -12.20 22.98 19.76
N LEU B 33 -11.04 22.52 20.23
CA LEU B 33 -10.96 21.41 21.17
C LEU B 33 -10.59 21.92 22.57
N GLN B 34 -11.35 21.45 23.57
CA GLN B 34 -11.05 21.72 24.97
C GLN B 34 -10.27 20.53 25.51
N THR B 35 -8.96 20.68 25.62
CA THR B 35 -8.10 19.59 26.07
C THR B 35 -8.13 19.51 27.59
N ASN B 36 -8.35 18.31 28.13
CA ASN B 36 -8.48 18.11 29.59
C ASN B 36 -7.14 18.21 30.34
N ASN B 37 -6.42 19.31 30.12
CA ASN B 37 -5.10 19.56 30.74
C ASN B 37 -4.84 21.01 31.23
N GLY B 38 -5.23 22.05 30.44
CA GLY B 38 -5.65 21.80 29.02
C GLY B 38 -5.75 23.05 28.15
N PRO B 39 -4.69 23.33 27.36
CA PRO B 39 -4.79 24.40 26.35
C PRO B 39 -5.89 24.10 25.35
N SER B 40 -6.74 25.09 25.11
CA SER B 40 -7.77 25.00 24.10
C SER B 40 -7.10 25.08 22.71
N LEU B 41 -7.41 24.13 21.83
CA LEU B 41 -6.79 24.07 20.49
C LEU B 41 -7.79 24.28 19.36
N GLY B 43 -8.40 24.79 14.98
CA GLY B 43 -7.94 24.45 13.64
C GLY B 43 -7.95 22.96 13.39
N LEU B 44 -8.41 22.58 12.20
CA LEU B 44 -8.51 21.16 11.81
C LEU B 44 -7.20 20.41 11.99
N THR B 45 -6.13 20.93 11.42
CA THR B 45 -4.87 20.19 11.44
C THR B 45 -4.17 20.24 12.78
N THR B 46 -4.30 21.37 13.49
CA THR B 46 -3.77 21.48 14.86
C THR B 46 -4.42 20.45 15.81
N ILE B 47 -5.75 20.43 15.86
CA ILE B 47 -6.49 19.43 16.62
C ILE B 47 -6.18 17.98 16.14
N ALA B 48 -6.13 17.76 14.82
CA ALA B 48 -5.80 16.40 14.30
C ALA B 48 -4.46 15.88 14.81
N ALA B 49 -3.42 16.71 14.84
CA ALA B 49 -2.12 16.27 15.36
C ALA B 49 -2.17 15.96 16.85
N HIS B 50 -2.98 16.71 17.60
CA HIS B 50 -3.22 16.45 19.02
C HIS B 50 -3.91 15.10 19.26
N LEU B 51 -4.93 14.79 18.47
CA LEU B 51 -5.65 13.51 18.55
C LEU B 51 -4.76 12.32 18.29
N VAL B 52 -3.90 12.41 17.28
CA VAL B 52 -2.90 11.37 16.99
C VAL B 52 -1.97 11.07 18.19
N LYS B 53 -1.56 12.12 18.88
CA LYS B 53 -0.76 12.01 20.11
C LYS B 53 -1.53 11.37 21.26
N GLN B 54 -2.78 11.77 21.44
CA GLN B 54 -3.65 11.19 22.45
C GLN B 54 -3.78 9.68 22.30
N ALA B 55 -3.73 9.20 21.06
CA ALA B 55 -3.87 7.80 20.73
C ALA B 55 -2.55 7.01 20.76
N ASN B 56 -1.46 7.65 21.18
CA ASN B 56 -0.12 7.07 21.12
C ASN B 56 0.15 6.49 19.72
N LYS B 57 -0.08 7.33 18.70
CA LYS B 57 0.16 6.96 17.31
C LYS B 57 0.96 8.03 16.61
N GLU B 58 1.97 8.54 17.29
CA GLU B 58 2.75 9.63 16.75
C GLU B 58 3.46 9.32 15.43
N TYR B 59 3.64 8.03 15.11
CA TYR B 59 4.21 7.63 13.79
C TYR B 59 3.41 8.21 12.62
N LEU B 60 2.10 8.45 12.83
CA LEU B 60 1.22 9.06 11.80
C LEU B 60 1.59 10.51 11.47
N LEU B 61 2.42 11.13 12.32
CA LEU B 61 2.97 12.48 12.06
C LEU B 61 4.30 12.44 11.31
N GLY B 62 4.82 11.23 11.12
CA GLY B 62 6.10 11.01 10.44
C GLY B 62 7.10 10.53 11.45
N SER B 63 8.08 9.77 10.99
CA SER B 63 9.12 9.21 11.86
C SER B 63 10.44 9.97 11.82
N THR B 64 10.86 10.34 10.62
CA THR B 64 12.11 11.05 10.38
C THR B 64 11.83 12.53 10.16
N ALA B 65 12.87 13.36 10.24
CA ALA B 65 12.71 14.79 10.00
C ALA B 65 12.14 15.10 8.60
N GLU B 66 12.56 14.35 7.58
CA GLU B 66 11.99 14.52 6.24
C GLU B 66 10.51 14.15 6.14
N GLU B 67 10.12 13.03 6.75
CA GLU B 67 8.71 12.58 6.71
C GLU B 67 7.79 13.50 7.52
N LYS B 68 8.24 13.97 8.67
CA LYS B 68 7.44 14.96 9.43
C LYS B 68 7.18 16.24 8.61
N ALA B 69 8.20 16.70 7.89
CA ALA B 69 8.05 17.82 6.95
C ALA B 69 7.03 17.60 5.81
N VAL B 71 4.51 15.37 6.01
CA VAL B 71 3.19 15.39 6.69
C VAL B 71 2.68 16.82 6.87
N GLN B 72 3.53 17.69 7.43
CA GLN B 72 3.17 19.11 7.57
C GLN B 72 2.72 19.76 6.26
N GLN B 73 3.47 19.50 5.20
CA GLN B 73 3.19 20.02 3.88
C GLN B 73 1.79 19.62 3.38
N TRP B 74 1.45 18.34 3.54
CA TRP B 74 0.16 17.80 3.06
C TRP B 74 -1.01 18.16 3.95
N LEU B 75 -0.76 18.36 5.26
CA LEU B 75 -1.78 18.96 6.13
C LEU B 75 -2.09 20.36 5.71
N GLU B 76 -1.03 21.17 5.46
CA GLU B 76 -1.23 22.57 5.03
C GLU B 76 -1.90 22.63 3.64
N TYR B 77 -1.60 21.67 2.78
CA TYR B 77 -2.26 21.59 1.46
C TYR B 77 -3.75 21.31 1.61
N ARG B 78 -4.09 20.41 2.52
CA ARG B 78 -5.49 20.13 2.84
C ARG B 78 -6.29 21.41 3.25
N VAL B 79 -5.72 22.23 4.11
CA VAL B 79 -6.47 23.38 4.61
C VAL B 79 -6.35 24.64 3.74
N THR B 80 -5.48 24.62 2.75
CA THR B 80 -5.23 25.81 1.96
C THR B 80 -5.71 25.61 0.54
N GLN B 81 -5.56 24.39 0.00
CA GLN B 81 -5.85 24.15 -1.40
C GLN B 81 -7.15 23.40 -1.64
N VAL B 82 -7.49 22.48 -0.74
CA VAL B 82 -8.76 21.76 -0.80
C VAL B 82 -9.84 22.57 -0.10
N ASP B 83 -9.59 22.91 1.16
CA ASP B 83 -10.59 23.63 1.95
C ASP B 83 -10.92 25.00 1.38
N GLY B 84 -12.20 25.32 1.33
N ASN B 89 -14.91 22.12 -11.32
CA ASN B 89 -14.43 23.41 -10.85
C ASN B 89 -12.93 23.60 -11.15
N ASP B 90 -12.17 23.87 -10.08
CA ASP B 90 -10.73 24.04 -10.08
C ASP B 90 -10.13 22.85 -9.36
N ILE B 91 -11.00 21.95 -8.89
CA ILE B 91 -10.51 20.70 -8.35
C ILE B 91 -9.89 19.86 -9.46
N HIS B 92 -10.35 20.06 -10.70
CA HIS B 92 -9.76 19.40 -11.84
C HIS B 92 -8.31 19.80 -12.09
N THR B 93 -7.97 21.06 -11.84
CA THR B 93 -6.56 21.49 -11.87
C THR B 93 -5.74 20.83 -10.73
N LEU B 94 -6.31 20.83 -9.53
CA LEU B 94 -5.76 20.15 -8.35
C LEU B 94 -5.59 18.65 -8.62
N LEU B 95 -6.66 17.98 -9.06
CA LEU B 95 -6.65 16.53 -9.32
C LEU B 95 -5.56 16.12 -10.34
N ASP B 97 -2.74 17.73 -10.95
CA ASP B 97 -1.47 17.89 -10.29
C ASP B 97 -1.20 16.79 -9.26
N LEU B 98 -2.20 16.44 -8.48
CA LEU B 98 -2.10 15.33 -7.51
C LEU B 98 -1.88 14.01 -8.25
N ASN B 99 -2.54 13.87 -9.40
CA ASN B 99 -2.36 12.66 -10.22
C ASN B 99 -0.92 12.43 -10.64
N SER B 100 -0.26 13.51 -11.05
CA SER B 100 1.14 13.43 -11.41
C SER B 100 2.01 13.15 -10.19
N TYR B 101 1.75 13.84 -9.11
CA TYR B 101 2.49 13.63 -7.85
C TYR B 101 2.45 12.13 -7.38
N LEU B 102 1.31 11.50 -7.54
CA LEU B 102 1.04 10.18 -6.98
C LEU B 102 1.50 9.04 -7.87
N GLU B 103 2.02 9.36 -9.05
CA GLU B 103 2.31 8.30 -10.02
C GLU B 103 3.35 7.27 -9.54
N ASP B 104 4.25 7.68 -8.64
CA ASP B 104 5.30 6.78 -8.12
C ASP B 104 5.19 6.42 -6.64
N LYS B 105 4.05 6.71 -6.02
CA LYS B 105 3.91 6.49 -4.59
C LYS B 105 2.64 5.74 -4.32
N VAL B 106 2.62 5.04 -3.20
CA VAL B 106 1.40 4.41 -2.67
C VAL B 106 0.73 5.35 -1.66
N TYR B 107 1.58 6.02 -0.85
CA TYR B 107 1.12 6.92 0.18
C TYR B 107 1.54 8.34 -0.10
N LEU B 108 0.76 9.26 0.42
CA LEU B 108 0.87 10.64 0.03
C LEU B 108 2.24 11.24 0.36
N THR B 109 2.81 10.89 1.50
CA THR B 109 4.10 11.45 1.86
C THR B 109 5.23 10.56 1.35
N GLY B 110 4.87 9.46 0.71
CA GLY B 110 5.84 8.72 -0.09
C GLY B 110 6.02 7.24 0.21
N TYR B 111 6.18 6.89 1.49
CA TYR B 111 6.49 5.48 1.85
C TYR B 111 5.49 4.84 2.78
N ASN B 112 5.02 5.63 3.74
CA ASN B 112 4.22 5.13 4.85
C ASN B 112 2.88 5.83 4.90
N PHE B 113 1.89 5.16 5.48
CA PHE B 113 0.55 5.71 5.72
C PHE B 113 0.69 6.70 6.86
N THR B 114 0.11 7.88 6.70
CA THR B 114 0.22 8.91 7.75
C THR B 114 -1.12 9.65 7.89
N LEU B 115 -1.19 10.51 8.91
CA LEU B 115 -2.29 11.46 9.07
C LEU B 115 -2.64 12.20 7.80
N ALA B 116 -1.63 12.60 7.03
CA ALA B 116 -1.89 13.32 5.76
C ALA B 116 -2.82 12.57 4.76
N ASP B 117 -2.69 11.25 4.66
CA ASP B 117 -3.55 10.41 3.83
C ASP B 117 -4.97 10.46 4.36
N ILE B 118 -5.14 10.33 5.67
CA ILE B 118 -6.48 10.35 6.27
C ILE B 118 -7.19 11.65 5.95
N LEU B 119 -6.56 12.77 6.30
CA LEU B 119 -7.16 14.07 6.12
C LEU B 119 -7.42 14.42 4.66
N LEU B 120 -6.55 13.98 3.75
CA LEU B 120 -6.77 14.27 2.35
C LEU B 120 -7.92 13.43 1.77
N TYR B 121 -8.01 12.17 2.17
CA TYR B 121 -9.13 11.31 1.84
C TYR B 121 -10.48 11.91 2.29
N TYR B 122 -10.58 12.25 3.57
CA TYR B 122 -11.79 12.91 4.12
C TYR B 122 -12.09 14.22 3.37
N GLY B 123 -11.06 14.98 3.00
CA GLY B 123 -11.26 16.27 2.34
C GLY B 123 -11.65 16.19 0.86
N LEU B 124 -11.11 15.20 0.15
CA LEU B 124 -11.43 14.99 -1.26
C LEU B 124 -12.68 14.14 -1.55
N HIS B 125 -13.19 13.47 -0.52
CA HIS B 125 -14.27 12.49 -0.63
C HIS B 125 -15.49 13.01 -1.42
N ARG B 126 -15.88 14.26 -1.19
CA ARG B 126 -17.08 14.79 -1.85
C ARG B 126 -16.82 15.00 -3.35
N PHE B 127 -15.59 15.36 -3.69
CA PHE B 127 -15.22 15.58 -5.09
C PHE B 127 -15.03 14.29 -5.88
N ILE B 128 -14.44 13.29 -5.23
CA ILE B 128 -14.22 12.00 -5.83
C ILE B 128 -15.58 11.26 -6.04
N VAL B 129 -16.47 11.28 -5.05
CA VAL B 129 -17.85 10.75 -5.25
C VAL B 129 -18.50 11.26 -6.55
N ASP B 130 -18.23 12.52 -6.90
CA ASP B 130 -18.92 13.17 -8.02
C ASP B 130 -18.27 12.98 -9.37
N LEU B 131 -17.12 12.28 -9.39
CA LEU B 131 -16.45 12.01 -10.63
C LEU B 131 -17.22 10.95 -11.44
N THR B 132 -17.12 11.04 -12.75
CA THR B 132 -17.62 10.05 -13.67
C THR B 132 -16.52 9.00 -13.86
N VAL B 133 -16.88 7.86 -14.44
CA VAL B 133 -15.95 6.78 -14.67
C VAL B 133 -14.79 7.25 -15.53
N GLN B 134 -15.07 8.04 -16.57
CA GLN B 134 -14.03 8.57 -17.44
C GLN B 134 -13.01 9.43 -16.66
N GLU B 135 -13.51 10.29 -15.77
CA GLU B 135 -12.64 11.15 -14.96
C GLU B 135 -11.76 10.33 -13.97
N LYS B 136 -12.37 9.34 -13.32
CA LYS B 136 -11.62 8.39 -12.50
C LYS B 136 -10.48 7.68 -13.25
N GLU B 137 -10.75 7.32 -14.52
CA GLU B 137 -9.75 6.76 -15.40
C GLU B 137 -8.66 7.77 -15.82
N LYS B 138 -9.03 9.03 -16.01
CA LYS B 138 -8.09 10.12 -16.33
C LYS B 138 -7.10 10.33 -15.19
N TYR B 139 -7.61 10.30 -13.95
CA TYR B 139 -6.77 10.43 -12.75
C TYR B 139 -6.51 9.06 -12.12
N LEU B 140 -5.83 8.19 -12.87
CA LEU B 140 -5.62 6.79 -12.48
C LEU B 140 -5.02 6.73 -11.09
N ASN B 141 -4.07 7.64 -10.84
CA ASN B 141 -3.23 7.53 -9.65
C ASN B 141 -3.95 7.98 -8.44
N VAL B 142 -4.69 9.06 -8.60
CA VAL B 142 -5.62 9.50 -7.55
C VAL B 142 -6.67 8.41 -7.28
N SER B 143 -7.26 7.79 -8.31
CA SER B 143 -8.27 6.76 -8.05
C SER B 143 -7.64 5.59 -7.27
N ARG B 144 -6.45 5.20 -7.70
CA ARG B 144 -5.75 4.06 -7.07
C ARG B 144 -5.44 4.34 -5.58
N TRP B 145 -4.94 5.55 -5.30
CA TRP B 145 -4.67 5.97 -3.92
C TRP B 145 -5.95 6.07 -3.11
N PHE B 146 -6.98 6.71 -3.69
CA PHE B 146 -8.21 6.90 -2.95
C PHE B 146 -8.85 5.57 -2.64
N CYS B 147 -8.83 4.66 -3.61
CA CYS B 147 -9.36 3.31 -3.35
C CYS B 147 -8.59 2.58 -2.22
N HIS B 148 -7.27 2.74 -2.22
CA HIS B 148 -6.45 2.12 -1.20
C HIS B 148 -6.87 2.65 0.20
N ILE B 149 -6.99 3.96 0.34
CA ILE B 149 -7.36 4.57 1.64
C ILE B 149 -8.79 4.23 2.07
N GLN B 150 -9.71 4.27 1.11
CA GLN B 150 -11.12 3.91 1.37
C GLN B 150 -11.22 2.51 1.95
N HIS B 151 -10.31 1.62 1.56
CA HIS B 151 -10.33 0.27 2.10
C HIS B 151 -9.42 0.07 3.30
N TYR B 152 -8.64 1.10 3.65
CA TYR B 152 -7.67 1.00 4.76
C TYR B 152 -8.42 0.82 6.09
N PRO B 153 -7.98 -0.16 6.92
CA PRO B 153 -8.76 -0.55 8.09
C PRO B 153 -9.17 0.61 9.00
N GLY B 154 -10.48 0.72 9.25
CA GLY B 154 -11.00 1.74 10.15
C GLY B 154 -11.21 3.13 9.59
N ILE B 155 -10.76 3.41 8.37
CA ILE B 155 -10.73 4.80 7.94
C ILE B 155 -12.10 5.35 7.44
N ARG B 156 -12.76 4.58 6.59
CA ARG B 156 -13.91 5.06 5.84
C ARG B 156 -15.12 5.35 6.75
N GLN B 157 -15.31 4.47 7.72
CA GLN B 157 -16.46 4.57 8.62
C GLN B 157 -17.77 4.55 7.87
N HIS B 158 -18.58 5.60 8.02
CA HIS B 158 -19.92 5.65 7.40
C HIS B 158 -19.90 6.35 6.04
N LEU B 159 -18.75 6.86 5.65
CA LEU B 159 -18.62 7.52 4.38
C LEU B 159 -18.97 6.53 3.25
N SER B 160 -19.50 7.03 2.15
CA SER B 160 -19.92 6.17 1.07
C SER B 160 -18.71 5.65 0.32
N SER B 161 -18.78 4.42 -0.19
CA SER B 161 -17.67 3.86 -0.95
C SER B 161 -17.85 4.17 -2.42
N VAL B 162 -16.79 4.74 -3.00
CA VAL B 162 -16.77 5.09 -4.41
C VAL B 162 -16.39 3.79 -5.14
N VAL B 163 -16.98 3.63 -6.32
CA VAL B 163 -16.80 2.44 -7.12
C VAL B 163 -15.59 2.65 -8.01
N PHE B 164 -14.63 1.76 -7.84
CA PHE B 164 -13.46 1.71 -8.67
C PHE B 164 -13.37 0.35 -9.32
N ILE B 165 -13.28 0.33 -10.64
CA ILE B 165 -13.20 -0.94 -11.38
C ILE B 165 -11.75 -1.24 -11.64
N LYS B 166 -11.32 -2.40 -11.17
CA LYS B 166 -9.91 -2.77 -11.29
C LYS B 166 -9.74 -3.78 -12.44
N ASN B 167 -8.80 -3.49 -13.34
CA ASN B 167 -8.43 -4.39 -14.43
C ASN B 167 -8.51 -5.82 -14.03
N ARG B 168 -9.24 -6.61 -14.82
CA ARG B 168 -9.18 -8.08 -14.78
C ARG B 168 -9.66 -8.69 -13.44
N LEU B 169 -10.29 -7.86 -12.62
CA LEU B 169 -11.00 -8.32 -11.42
C LEU B 169 -12.52 -8.25 -11.66
N TYR B 170 -13.16 -9.26 -11.99
#